data_1Q9U
#
_entry.id   1Q9U
#
_cell.length_a   43.185
_cell.length_b   47.268
_cell.length_c   110.087
_cell.angle_alpha   90.00
_cell.angle_beta   90.00
_cell.angle_gamma   90.00
#
_symmetry.space_group_name_H-M   'P 21 21 21'
#
loop_
_entity.id
_entity.type
_entity.pdbx_description
1 polymer 'Uncharacterized protein APC35924'
2 non-polymer 'ZINC ION'
3 water water
#
_entity_poly.entity_id   1
_entity_poly.type   'polypeptide(L)'
_entity_poly.pdbx_seq_one_letter_code
;SNAMFHYTVDVSTGMNETIERLEESLKQEGFGVLWQFSVTEKLQEKGLDFSTPMVILEV(CSD)NPQEAARVLNENLLVG
YFLP(CME)KLVVYQENGTTKIGMPKPTMLVGMMNDPALKEIAADIEKRLAACLDRCR
;
_entity_poly.pdbx_strand_id   A,B
#
loop_
_chem_comp.id
_chem_comp.type
_chem_comp.name
_chem_comp.formula
ZN non-polymer 'ZINC ION' 'Zn 2'
#
# COMPACT_ATOMS: atom_id res chain seq x y z
N ALA A 3 -20.42 -1.68 6.54
CA ALA A 3 -18.99 -2.10 6.59
C ALA A 3 -18.16 -1.35 5.56
N MET A 4 -18.06 -0.03 5.71
CA MET A 4 -17.30 0.78 4.78
C MET A 4 -15.82 0.47 4.94
N PHE A 5 -15.16 0.12 3.84
CA PHE A 5 -13.76 -0.26 3.89
C PHE A 5 -12.82 0.93 4.07
N HIS A 6 -13.34 2.14 3.83
CA HIS A 6 -12.50 3.32 3.90
C HIS A 6 -13.07 4.45 4.74
N TYR A 7 -12.20 5.39 5.06
CA TYR A 7 -12.59 6.58 5.80
C TYR A 7 -12.17 7.73 4.90
N THR A 8 -13.12 8.56 4.50
CA THR A 8 -12.80 9.66 3.59
C THR A 8 -13.45 10.95 4.07
N VAL A 9 -12.72 12.05 3.92
CA VAL A 9 -13.24 13.36 4.32
C VAL A 9 -13.15 14.33 3.15
N ASP A 10 -14.09 15.27 3.09
CA ASP A 10 -14.05 16.30 2.05
C ASP A 10 -13.33 17.46 2.71
N VAL A 11 -12.51 18.16 1.93
CA VAL A 11 -11.81 19.34 2.42
C VAL A 11 -12.19 20.49 1.50
N SER A 12 -11.99 21.72 1.95
CA SER A 12 -12.36 22.87 1.14
C SER A 12 -11.20 23.39 0.29
N THR A 13 -10.00 22.92 0.59
CA THR A 13 -8.79 23.33 -0.10
C THR A 13 -8.57 22.61 -1.44
N GLY A 14 -7.67 23.15 -2.25
CA GLY A 14 -7.35 22.54 -3.52
C GLY A 14 -6.38 21.38 -3.33
N MET A 15 -6.06 20.72 -4.44
N MET A 15 -6.07 20.68 -4.41
CA MET A 15 -5.16 19.57 -4.45
CA MET A 15 -5.17 19.52 -4.32
C MET A 15 -3.84 19.78 -3.70
C MET A 15 -3.82 19.78 -3.65
N ASN A 16 -3.04 20.72 -4.18
CA ASN A 16 -1.73 21.01 -3.60
C ASN A 16 -1.74 21.51 -2.15
N GLU A 17 -2.64 22.43 -1.82
CA GLU A 17 -2.71 22.95 -0.48
C GLU A 17 -3.05 21.79 0.46
N THR A 18 -4.02 20.98 0.04
CA THR A 18 -4.46 19.84 0.84
C THR A 18 -3.29 18.91 1.18
N ILE A 19 -2.46 18.60 0.21
CA ILE A 19 -1.31 17.73 0.47
C ILE A 19 -0.37 18.38 1.49
N GLU A 20 -0.21 19.69 1.37
CA GLU A 20 0.65 20.40 2.29
C GLU A 20 0.09 20.34 3.72
N ARG A 21 -1.22 20.56 3.85
CA ARG A 21 -1.86 20.53 5.16
C ARG A 21 -1.84 19.14 5.77
N LEU A 22 -2.03 18.12 4.94
CA LEU A 22 -2.02 16.74 5.40
C LEU A 22 -0.63 16.34 5.91
N GLU A 23 0.42 16.76 5.20
CA GLU A 23 1.79 16.45 5.61
C GLU A 23 2.04 17.03 7.01
N GLU A 24 1.56 18.26 7.24
CA GLU A 24 1.74 18.88 8.54
C GLU A 24 0.94 18.16 9.63
N SER A 25 -0.31 17.85 9.32
CA SER A 25 -1.17 17.16 10.29
C SER A 25 -0.54 15.81 10.68
N LEU A 26 -0.04 15.08 9.69
CA LEU A 26 0.59 13.79 9.94
C LEU A 26 1.82 13.93 10.82
N LYS A 27 2.66 14.91 10.52
N LYS A 27 2.65 14.92 10.52
CA LYS A 27 3.89 15.15 11.27
CA LYS A 27 3.88 15.16 11.27
C LYS A 27 3.60 15.38 12.77
C LYS A 27 3.60 15.38 12.77
N GLN A 28 2.55 16.14 13.05
CA GLN A 28 2.17 16.44 14.44
C GLN A 28 1.80 15.16 15.18
N GLU A 29 1.43 14.12 14.43
CA GLU A 29 1.07 12.85 15.03
C GLU A 29 2.18 11.82 14.91
N GLY A 30 3.36 12.27 14.48
CA GLY A 30 4.51 11.38 14.36
C GLY A 30 4.61 10.56 13.09
N PHE A 31 3.79 10.89 12.09
CA PHE A 31 3.83 10.18 10.82
C PHE A 31 4.59 10.98 9.77
N GLY A 32 5.62 10.37 9.19
CA GLY A 32 6.37 11.05 8.16
C GLY A 32 6.03 10.46 6.80
N VAL A 33 6.07 11.29 5.75
CA VAL A 33 5.77 10.80 4.40
C VAL A 33 7.05 10.17 3.82
N LEU A 34 6.99 8.89 3.53
CA LEU A 34 8.14 8.16 2.99
C LEU A 34 8.27 8.32 1.47
N TRP A 35 7.14 8.38 0.80
CA TRP A 35 7.13 8.48 -0.65
C TRP A 35 5.76 8.92 -1.07
N GLN A 36 5.66 9.57 -2.21
CA GLN A 36 4.37 9.98 -2.74
C GLN A 36 4.48 10.10 -4.25
N PHE A 37 3.36 9.94 -4.94
CA PHE A 37 3.44 10.08 -6.38
C PHE A 37 2.06 10.35 -6.93
N SER A 38 2.04 11.09 -8.03
CA SER A 38 0.81 11.46 -8.68
C SER A 38 0.42 10.36 -9.67
N VAL A 39 -0.62 9.61 -9.35
CA VAL A 39 -1.09 8.57 -10.23
C VAL A 39 -1.51 9.20 -11.57
N THR A 40 -2.13 10.37 -11.48
CA THR A 40 -2.61 11.09 -12.66
C THR A 40 -1.47 11.40 -13.61
N GLU A 41 -0.44 12.07 -13.10
N GLU A 41 -0.44 12.06 -13.09
CA GLU A 41 0.70 12.43 -13.93
CA GLU A 41 0.72 12.43 -13.90
C GLU A 41 1.36 11.20 -14.54
C GLU A 41 1.37 11.20 -14.53
N LYS A 42 1.51 10.15 -13.74
CA LYS A 42 2.11 8.91 -14.20
C LYS A 42 1.36 8.32 -15.39
N LEU A 43 0.04 8.22 -15.27
CA LEU A 43 -0.76 7.66 -16.34
C LEU A 43 -0.80 8.55 -17.56
N GLN A 44 -0.96 9.85 -17.36
CA GLN A 44 -0.99 10.76 -18.50
C GLN A 44 0.38 10.80 -19.18
N GLU A 45 1.44 10.62 -18.39
CA GLU A 45 2.79 10.62 -18.93
C GLU A 45 2.91 9.44 -19.88
N LYS A 46 2.26 8.33 -19.55
CA LYS A 46 2.29 7.14 -20.39
C LYS A 46 1.29 7.22 -21.54
N GLY A 47 0.55 8.31 -21.60
CA GLY A 47 -0.42 8.50 -22.66
C GLY A 47 -1.75 7.81 -22.43
N LEU A 48 -2.04 7.42 -21.20
CA LEU A 48 -3.28 6.74 -20.89
C LEU A 48 -4.37 7.73 -20.53
N ASP A 49 -5.61 7.28 -20.60
CA ASP A 49 -6.73 8.15 -20.32
C ASP A 49 -7.23 8.14 -18.88
N PHE A 50 -6.75 9.09 -18.09
CA PHE A 50 -7.15 9.23 -16.70
C PHE A 50 -6.92 10.70 -16.39
N SER A 51 -7.99 11.41 -16.03
CA SER A 51 -7.88 12.86 -15.77
C SER A 51 -8.31 13.31 -14.38
N THR A 52 -8.49 12.38 -13.46
CA THR A 52 -8.88 12.75 -12.11
C THR A 52 -7.61 12.97 -11.31
N PRO A 53 -7.46 14.17 -10.71
CA PRO A 53 -6.26 14.44 -9.92
C PRO A 53 -6.23 13.47 -8.73
N MET A 54 -5.10 12.80 -8.54
CA MET A 54 -4.96 11.83 -7.46
C MET A 54 -3.51 11.61 -7.08
N VAL A 55 -3.23 11.74 -5.79
CA VAL A 55 -1.89 11.57 -5.27
C VAL A 55 -1.95 10.56 -4.13
N ILE A 56 -1.03 9.61 -4.17
CA ILE A 56 -0.95 8.58 -3.14
C ILE A 56 0.27 8.83 -2.27
N LEU A 57 0.05 8.80 -0.96
CA LEU A 57 1.13 9.00 -0.01
C LEU A 57 1.34 7.76 0.84
N GLU A 58 2.60 7.38 1.04
CA GLU A 58 2.96 6.23 1.89
C GLU A 58 3.53 6.91 3.13
N VAL A 59 2.90 6.67 4.28
CA VAL A 59 3.34 7.32 5.51
C VAL A 59 3.70 6.33 6.60
N CSD A 60 4.57 6.76 7.50
N CSD A 60 4.60 6.70 7.50
CA CSD A 60 5.09 5.93 8.55
CA CSD A 60 5.03 5.76 8.54
CB CSD A 60 6.48 5.43 8.11
CB CSD A 60 6.12 4.84 7.94
SG CSD A 60 6.52 3.60 7.99
SG CSD A 60 7.03 3.90 9.24
C CSD A 60 5.27 6.60 9.90
C CSD A 60 5.47 6.41 9.85
O CSD A 60 5.61 7.77 9.97
O CSD A 60 6.23 7.38 9.85
OD1 CSD A 60 6.22 3.05 9.31
OD1 CSD A 60 7.70 4.87 10.11
OD2 CSD A 60 5.54 3.22 6.97
OD2 CSD A 60 6.04 3.10 9.96
N ASN A 61 5.00 5.85 10.96
CA ASN A 61 5.29 6.32 12.31
C ASN A 61 6.13 5.10 12.70
N PRO A 62 7.46 5.25 12.72
CA PRO A 62 8.39 4.16 13.06
C PRO A 62 8.03 3.30 14.26
N GLN A 63 7.72 3.95 15.38
CA GLN A 63 7.37 3.24 16.59
C GLN A 63 6.15 2.36 16.39
N GLU A 64 5.16 2.88 15.68
CA GLU A 64 3.95 2.11 15.42
C GLU A 64 4.23 0.94 14.49
N ALA A 65 5.09 1.16 13.51
CA ALA A 65 5.45 0.11 12.57
C ALA A 65 6.15 -1.03 13.31
N ALA A 66 7.11 -0.69 14.16
CA ALA A 66 7.83 -1.70 14.91
C ALA A 66 6.85 -2.52 15.74
N ARG A 67 5.88 -1.82 16.34
CA ARG A 67 4.88 -2.45 17.19
C ARG A 67 4.03 -3.51 16.48
N VAL A 68 3.48 -3.19 15.32
CA VAL A 68 2.66 -4.19 14.64
C VAL A 68 3.50 -5.30 14.04
N LEU A 69 4.66 -4.95 13.48
CA LEU A 69 5.54 -5.96 12.88
C LEU A 69 5.99 -6.98 13.93
N ASN A 70 6.24 -6.53 15.15
CA ASN A 70 6.66 -7.45 16.19
C ASN A 70 5.51 -8.29 16.71
N GLU A 71 4.28 -7.86 16.44
CA GLU A 71 3.11 -8.61 16.87
C GLU A 71 2.87 -9.72 15.83
N ASN A 72 2.91 -9.34 14.56
CA ASN A 72 2.68 -10.27 13.47
C ASN A 72 3.41 -9.77 12.22
N LEU A 73 4.42 -10.53 11.80
CA LEU A 73 5.24 -10.16 10.65
C LEU A 73 4.44 -9.91 9.38
N LEU A 74 3.39 -10.68 9.16
CA LEU A 74 2.57 -10.55 7.96
C LEU A 74 1.91 -9.18 7.80
N VAL A 75 1.90 -8.38 8.86
CA VAL A 75 1.31 -7.07 8.76
C VAL A 75 2.12 -6.21 7.78
N GLY A 76 3.35 -6.64 7.50
CA GLY A 76 4.16 -5.90 6.57
C GLY A 76 3.50 -5.81 5.21
N TYR A 77 2.60 -6.77 4.93
CA TYR A 77 1.86 -6.81 3.67
C TYR A 77 0.91 -5.62 3.56
N PHE A 78 0.75 -4.88 4.65
CA PHE A 78 -0.13 -3.72 4.67
C PHE A 78 0.60 -2.43 5.04
N LEU A 79 1.93 -2.44 4.97
CA LEU A 79 2.73 -1.26 5.29
C LEU A 79 3.44 -0.74 4.04
N PRO A 80 3.73 0.57 4.00
CA PRO A 80 3.47 1.62 4.99
C PRO A 80 1.97 1.95 4.96
N CME A 81 1.54 2.84 5.85
CA CME A 81 0.16 3.28 5.88
CB CME A 81 -0.09 4.18 7.08
SG CME A 81 0.01 3.33 8.69
SD CME A 81 -1.58 2.08 8.60
CE CME A 81 -0.92 0.55 7.91
CZ CME A 81 -1.73 -0.69 8.27
OH CME A 81 -2.90 -0.73 7.47
C CME A 81 -0.11 4.08 4.61
O CME A 81 0.71 4.90 4.22
N LYS A 82 -1.26 3.88 3.98
CA LYS A 82 -1.58 4.59 2.75
C LYS A 82 -2.67 5.63 2.89
N LEU A 83 -2.45 6.79 2.26
CA LEU A 83 -3.43 7.87 2.24
C LEU A 83 -3.55 8.33 0.79
N VAL A 84 -4.74 8.76 0.38
CA VAL A 84 -4.95 9.22 -0.98
C VAL A 84 -5.63 10.59 -0.97
N VAL A 85 -5.08 11.53 -1.74
CA VAL A 85 -5.67 12.86 -1.88
C VAL A 85 -6.09 12.92 -3.35
N TYR A 86 -7.35 13.22 -3.61
CA TYR A 86 -7.85 13.25 -4.98
C TYR A 86 -9.02 14.20 -5.09
N GLN A 87 -9.39 14.53 -6.33
CA GLN A 87 -10.49 15.44 -6.57
C GLN A 87 -11.62 14.81 -7.34
N GLU A 88 -12.82 14.94 -6.78
CA GLU A 88 -14.02 14.40 -7.40
C GLU A 88 -15.02 15.56 -7.52
N ASN A 89 -15.69 15.66 -8.66
CA ASN A 89 -16.68 16.70 -8.88
C ASN A 89 -16.21 18.07 -8.38
N GLY A 90 -14.95 18.41 -8.67
CA GLY A 90 -14.42 19.69 -8.26
C GLY A 90 -14.10 19.83 -6.78
N THR A 91 -14.36 18.78 -5.99
CA THR A 91 -14.10 18.81 -4.55
C THR A 91 -12.94 17.89 -4.20
N THR A 92 -12.01 18.40 -3.38
CA THR A 92 -10.87 17.61 -2.95
C THR A 92 -11.26 16.75 -1.76
N LYS A 93 -10.74 15.52 -1.75
CA LYS A 93 -11.02 14.59 -0.66
C LYS A 93 -9.72 13.92 -0.22
N ILE A 94 -9.72 13.41 1.00
CA ILE A 94 -8.57 12.69 1.51
C ILE A 94 -9.13 11.39 2.04
N GLY A 95 -8.59 10.26 1.59
CA GLY A 95 -9.12 9.00 2.05
C GLY A 95 -8.05 8.00 2.42
N MET A 96 -8.48 6.95 3.11
CA MET A 96 -7.56 5.92 3.49
C MET A 96 -8.32 4.63 3.68
N PRO A 97 -7.69 3.50 3.30
CA PRO A 97 -8.39 2.23 3.49
C PRO A 97 -8.25 2.05 5.01
N LYS A 98 -9.27 1.51 5.68
CA LYS A 98 -9.19 1.35 7.13
C LYS A 98 -8.19 0.29 7.62
N PRO A 99 -7.24 0.67 8.47
CA PRO A 99 -6.27 -0.32 8.96
C PRO A 99 -6.96 -1.56 9.57
N THR A 100 -8.05 -1.33 10.30
CA THR A 100 -8.79 -2.41 10.94
C THR A 100 -9.43 -3.35 9.94
N MET A 101 -9.84 -2.81 8.79
CA MET A 101 -10.44 -3.63 7.75
C MET A 101 -9.36 -4.47 7.06
N LEU A 102 -8.20 -3.86 6.84
CA LEU A 102 -7.09 -4.57 6.20
C LEU A 102 -6.60 -5.72 7.08
N VAL A 103 -6.25 -5.43 8.33
CA VAL A 103 -5.75 -6.50 9.20
C VAL A 103 -6.86 -7.44 9.66
N GLY A 104 -8.11 -7.01 9.49
CA GLY A 104 -9.23 -7.84 9.88
C GLY A 104 -9.20 -9.17 9.16
N MET A 105 -8.75 -9.18 7.91
N MET A 105 -8.73 -9.17 7.92
CA MET A 105 -8.70 -10.43 7.16
CA MET A 105 -8.65 -10.38 7.12
C MET A 105 -7.66 -11.40 7.70
C MET A 105 -7.65 -11.38 7.68
N MET A 106 -6.81 -10.93 8.61
CA MET A 106 -5.79 -11.78 9.20
C MET A 106 -6.31 -12.63 10.35
N ASN A 107 -7.53 -12.34 10.81
N ASN A 107 -7.53 -12.36 10.82
CA ASN A 107 -8.13 -13.08 11.89
CA ASN A 107 -8.12 -13.13 11.92
C ASN A 107 -7.20 -13.10 13.12
C ASN A 107 -7.22 -13.10 13.15
N ASP A 108 -6.66 -11.93 13.43
CA ASP A 108 -5.76 -11.77 14.55
C ASP A 108 -6.28 -10.61 15.41
N PRO A 109 -7.04 -10.92 16.47
CA PRO A 109 -7.60 -9.91 17.37
C PRO A 109 -6.58 -8.94 17.97
N ALA A 110 -5.45 -9.47 18.44
CA ALA A 110 -4.40 -8.64 19.04
C ALA A 110 -3.85 -7.63 18.05
N LEU A 111 -3.63 -8.07 16.82
CA LEU A 111 -3.12 -7.18 15.79
C LEU A 111 -4.16 -6.12 15.47
N LYS A 112 -5.42 -6.53 15.36
CA LYS A 112 -6.49 -5.60 15.05
C LYS A 112 -6.62 -4.49 16.08
N GLU A 113 -6.35 -4.81 17.35
CA GLU A 113 -6.41 -3.81 18.41
C GLU A 113 -5.38 -2.70 18.17
N ILE A 114 -4.18 -3.08 17.75
CA ILE A 114 -3.15 -2.10 17.48
C ILE A 114 -3.57 -1.29 16.24
N ALA A 115 -4.10 -1.99 15.24
CA ALA A 115 -4.53 -1.32 14.01
C ALA A 115 -5.63 -0.29 14.30
N ALA A 116 -6.46 -0.57 15.30
CA ALA A 116 -7.53 0.35 15.66
C ALA A 116 -6.93 1.62 16.26
N ASP A 117 -5.85 1.45 17.01
CA ASP A 117 -5.18 2.59 17.63
C ASP A 117 -4.58 3.47 16.54
N ILE A 118 -3.95 2.83 15.56
CA ILE A 118 -3.34 3.57 14.45
C ILE A 118 -4.41 4.25 13.58
N GLU A 119 -5.50 3.53 13.33
CA GLU A 119 -6.60 4.06 12.52
C GLU A 119 -7.17 5.35 13.13
N LYS A 120 -7.41 5.35 14.44
CA LYS A 120 -7.95 6.54 15.10
C LYS A 120 -7.06 7.76 14.90
N ARG A 121 -5.75 7.57 15.04
N ARG A 121 -5.75 7.55 15.03
CA ARG A 121 -4.82 8.68 14.87
CA ARG A 121 -4.78 8.63 14.87
C ARG A 121 -4.76 9.17 13.44
C ARG A 121 -4.73 9.16 13.44
N LEU A 122 -4.75 8.26 12.46
CA LEU A 122 -4.72 8.69 11.06
C LEU A 122 -6.00 9.42 10.73
N ALA A 123 -7.14 8.94 11.23
CA ALA A 123 -8.40 9.60 10.95
C ALA A 123 -8.41 11.01 11.56
N ALA A 124 -7.76 11.17 12.70
CA ALA A 124 -7.67 12.47 13.36
C ALA A 124 -6.92 13.41 12.41
N CYS A 125 -5.82 12.90 11.85
CA CYS A 125 -5.01 13.70 10.93
C CYS A 125 -5.87 14.17 9.77
N LEU A 126 -6.69 13.29 9.23
CA LEU A 126 -7.58 13.64 8.13
C LEU A 126 -8.62 14.68 8.57
N ASP A 127 -9.27 14.45 9.71
CA ASP A 127 -10.27 15.38 10.22
C ASP A 127 -9.74 16.78 10.39
N ARG A 128 -8.48 16.88 10.79
CA ARG A 128 -7.83 18.16 11.02
C ARG A 128 -7.52 18.96 9.75
N CYS A 129 -7.78 18.36 8.60
CA CYS A 129 -7.53 19.05 7.33
C CYS A 129 -8.83 19.65 6.81
N ARG A 130 -9.93 19.37 7.49
CA ARG A 130 -11.21 19.89 7.09
C ARG A 130 -11.29 21.38 7.44
N ALA B 3 -10.98 -16.62 2.57
CA ALA B 3 -9.78 -17.40 2.16
C ALA B 3 -8.50 -16.69 2.61
N MET B 4 -7.37 -17.36 2.44
CA MET B 4 -6.06 -16.81 2.81
C MET B 4 -5.93 -15.44 2.13
N PHE B 5 -5.66 -14.40 2.90
CA PHE B 5 -5.56 -13.05 2.34
C PHE B 5 -4.29 -12.81 1.53
N HIS B 6 -3.29 -13.66 1.72
CA HIS B 6 -2.03 -13.46 1.03
C HIS B 6 -1.55 -14.66 0.25
N TYR B 7 -0.65 -14.40 -0.69
CA TYR B 7 -0.04 -15.44 -1.51
C TYR B 7 1.46 -15.27 -1.26
N THR B 8 2.09 -16.31 -0.74
CA THR B 8 3.50 -16.27 -0.43
C THR B 8 4.24 -17.49 -0.97
N VAL B 9 5.46 -17.29 -1.46
CA VAL B 9 6.27 -18.37 -2.00
C VAL B 9 7.66 -18.36 -1.38
N ASP B 10 8.22 -19.55 -1.22
CA ASP B 10 9.57 -19.71 -0.68
C ASP B 10 10.51 -19.68 -1.89
N VAL B 11 11.61 -18.96 -1.79
CA VAL B 11 12.57 -18.90 -2.89
C VAL B 11 13.93 -19.38 -2.37
N SER B 12 14.78 -19.90 -3.25
CA SER B 12 16.09 -20.41 -2.84
C SER B 12 17.14 -19.32 -2.66
N THR B 13 16.95 -18.20 -3.34
CA THR B 13 17.88 -17.08 -3.30
C THR B 13 17.77 -16.21 -2.05
N GLY B 14 18.84 -15.45 -1.79
CA GLY B 14 18.87 -14.54 -0.67
C GLY B 14 18.10 -13.28 -1.01
N MET B 15 18.01 -12.35 -0.07
CA MET B 15 17.27 -11.10 -0.27
C MET B 15 17.63 -10.33 -1.53
N ASN B 16 18.90 -9.96 -1.68
CA ASN B 16 19.39 -9.19 -2.83
C ASN B 16 19.07 -9.81 -4.18
N GLU B 17 19.46 -11.07 -4.35
CA GLU B 17 19.23 -11.77 -5.60
C GLU B 17 17.74 -11.99 -5.83
N THR B 18 16.99 -12.17 -4.75
CA THR B 18 15.56 -12.37 -4.91
C THR B 18 14.94 -11.10 -5.50
N ILE B 19 15.32 -9.94 -4.96
CA ILE B 19 14.78 -8.69 -5.46
C ILE B 19 15.15 -8.51 -6.93
N GLU B 20 16.39 -8.86 -7.28
N GLU B 20 16.39 -8.88 -7.25
CA GLU B 20 16.85 -8.73 -8.65
CA GLU B 20 16.90 -8.78 -8.62
C GLU B 20 15.99 -9.58 -9.59
C GLU B 20 16.04 -9.58 -9.59
N ARG B 21 15.81 -10.85 -9.24
CA ARG B 21 15.02 -11.75 -10.05
C ARG B 21 13.56 -11.33 -10.12
N LEU B 22 13.05 -10.78 -9.03
CA LEU B 22 11.65 -10.33 -9.01
C LEU B 22 11.47 -9.14 -9.96
N GLU B 23 12.42 -8.21 -9.95
CA GLU B 23 12.35 -7.05 -10.85
C GLU B 23 12.33 -7.51 -12.31
N GLU B 24 13.13 -8.51 -12.65
CA GLU B 24 13.15 -9.00 -14.03
C GLU B 24 11.84 -9.70 -14.38
N SER B 25 11.31 -10.47 -13.44
CA SER B 25 10.07 -11.19 -13.67
C SER B 25 8.92 -10.20 -13.85
N LEU B 26 8.90 -9.16 -13.03
CA LEU B 26 7.85 -8.15 -13.12
C LEU B 26 7.92 -7.44 -14.46
N LYS B 27 9.14 -7.10 -14.86
CA LYS B 27 9.36 -6.41 -16.13
C LYS B 27 8.81 -7.22 -17.29
N GLN B 28 9.03 -8.53 -17.25
CA GLN B 28 8.53 -9.41 -18.31
C GLN B 28 7.01 -9.27 -18.44
N GLU B 29 6.35 -8.99 -17.31
CA GLU B 29 4.89 -8.84 -17.26
C GLU B 29 4.40 -7.40 -17.37
N GLY B 30 5.27 -6.47 -17.71
CA GLY B 30 4.86 -5.08 -17.85
C GLY B 30 4.76 -4.30 -16.54
N PHE B 31 5.23 -4.90 -15.43
CA PHE B 31 5.19 -4.21 -14.14
C PHE B 31 6.53 -3.58 -13.84
N GLY B 32 6.51 -2.35 -13.38
CA GLY B 32 7.74 -1.66 -13.02
C GLY B 32 7.75 -1.42 -11.52
N VAL B 33 8.93 -1.33 -10.94
CA VAL B 33 9.03 -1.08 -9.50
C VAL B 33 9.07 0.42 -9.32
N LEU B 34 8.03 0.97 -8.71
CA LEU B 34 7.95 2.39 -8.50
C LEU B 34 8.70 2.84 -7.25
N TRP B 35 8.77 1.97 -6.26
CA TRP B 35 9.44 2.32 -5.03
C TRP B 35 9.82 1.09 -4.23
N GLN B 36 11.02 1.12 -3.65
CA GLN B 36 11.53 0.03 -2.84
C GLN B 36 11.82 0.66 -1.49
N PHE B 37 11.36 0.01 -0.44
CA PHE B 37 11.50 0.52 0.92
C PHE B 37 12.04 -0.58 1.81
N SER B 38 13.19 -0.33 2.42
CA SER B 38 13.78 -1.32 3.32
C SER B 38 13.26 -1.03 4.72
N VAL B 39 12.18 -1.71 5.11
CA VAL B 39 11.59 -1.52 6.43
C VAL B 39 12.58 -1.73 7.57
N THR B 40 13.30 -2.84 7.50
CA THR B 40 14.27 -3.19 8.54
C THR B 40 15.29 -2.08 8.78
N GLU B 41 15.85 -1.54 7.70
CA GLU B 41 16.84 -0.47 7.79
C GLU B 41 16.24 0.77 8.45
N LYS B 42 15.06 1.17 7.99
CA LYS B 42 14.38 2.34 8.53
C LYS B 42 14.14 2.26 10.04
N LEU B 43 13.77 1.07 10.52
CA LEU B 43 13.50 0.91 11.96
C LEU B 43 14.77 0.73 12.78
N GLN B 44 15.69 -0.09 12.30
CA GLN B 44 16.94 -0.30 13.04
C GLN B 44 17.75 0.98 13.15
N GLU B 45 17.57 1.89 12.19
CA GLU B 45 18.30 3.15 12.19
C GLU B 45 17.72 4.05 13.29
N LYS B 46 16.48 3.76 13.68
CA LYS B 46 15.79 4.51 14.72
C LYS B 46 16.03 3.86 16.06
N GLY B 47 16.87 2.82 16.07
CA GLY B 47 17.16 2.11 17.31
C GLY B 47 16.04 1.23 17.80
N LEU B 48 15.08 0.93 16.92
CA LEU B 48 13.95 0.08 17.29
C LEU B 48 14.32 -1.40 17.16
N ASP B 49 13.65 -2.24 17.93
CA ASP B 49 13.94 -3.66 17.90
C ASP B 49 13.12 -4.46 16.90
N PHE B 50 13.63 -4.53 15.67
CA PHE B 50 13.00 -5.29 14.61
C PHE B 50 14.17 -5.73 13.77
N SER B 51 14.44 -7.04 13.78
CA SER B 51 15.58 -7.58 13.06
C SER B 51 15.31 -8.39 11.79
N THR B 52 14.06 -8.74 11.54
CA THR B 52 13.75 -9.53 10.34
C THR B 52 14.00 -8.72 9.07
N PRO B 53 14.86 -9.23 8.17
CA PRO B 53 15.11 -8.48 6.93
C PRO B 53 13.81 -8.43 6.14
N MET B 54 13.42 -7.22 5.75
CA MET B 54 12.16 -7.06 5.01
C MET B 54 12.19 -5.86 4.08
N VAL B 55 11.88 -6.08 2.81
CA VAL B 55 11.83 -5.02 1.83
C VAL B 55 10.46 -4.98 1.19
N ILE B 56 9.89 -3.80 1.10
CA ILE B 56 8.56 -3.65 0.51
C ILE B 56 8.70 -2.98 -0.84
N LEU B 57 8.01 -3.52 -1.84
CA LEU B 57 8.06 -2.98 -3.19
C LEU B 57 6.68 -2.57 -3.68
N GLU B 58 6.59 -1.37 -4.22
CA GLU B 58 5.33 -0.85 -4.78
C GLU B 58 5.54 -1.02 -6.28
N VAL B 59 4.70 -1.82 -6.93
CA VAL B 59 4.87 -2.07 -8.36
C VAL B 59 3.65 -1.62 -9.15
N CSD B 60 3.85 -1.34 -10.42
N CSD B 60 3.85 -1.36 -10.42
CA CSD B 60 2.75 -0.82 -11.22
CA CSD B 60 2.74 -0.86 -11.21
CB CSD B 60 2.72 0.71 -10.97
CB CSD B 60 2.68 0.66 -11.05
SG CSD B 60 1.71 1.64 -12.20
SG CSD B 60 1.02 1.32 -11.52
C CSD B 60 2.83 -1.16 -12.72
C CSD B 60 2.83 -1.23 -12.70
O CSD B 60 3.90 -1.11 -13.32
O CSD B 60 3.92 -1.28 -13.28
OD1 CSD B 60 2.30 1.42 -13.52
OD1 CSD B 60 0.81 1.00 -12.92
OD2 CSD B 60 0.34 1.14 -12.09
OD2 CSD B 60 0.04 0.68 -10.65
N ASN B 61 1.68 -1.52 -13.28
CA ASN B 61 1.58 -1.82 -14.71
C ASN B 61 0.58 -0.73 -15.10
N PRO B 62 1.06 0.35 -15.74
CA PRO B 62 0.19 1.47 -16.14
C PRO B 62 -1.19 1.16 -16.72
N GLN B 63 -1.26 0.28 -17.72
CA GLN B 63 -2.54 -0.05 -18.32
C GLN B 63 -3.47 -0.74 -17.33
N GLU B 64 -2.91 -1.57 -16.46
CA GLU B 64 -3.75 -2.25 -15.47
C GLU B 64 -4.29 -1.21 -14.49
N ALA B 65 -3.45 -0.24 -14.12
CA ALA B 65 -3.87 0.81 -13.19
C ALA B 65 -5.00 1.63 -13.81
N ALA B 66 -4.80 2.07 -15.04
CA ALA B 66 -5.82 2.87 -15.73
C ALA B 66 -7.11 2.08 -15.83
N ARG B 67 -6.98 0.80 -16.13
CA ARG B 67 -8.10 -0.11 -16.27
C ARG B 67 -8.97 -0.12 -15.01
N VAL B 68 -8.36 -0.34 -13.85
CA VAL B 68 -9.14 -0.36 -12.62
C VAL B 68 -9.63 1.00 -12.16
N LEU B 69 -8.81 2.04 -12.34
CA LEU B 69 -9.20 3.38 -11.92
C LEU B 69 -10.38 3.92 -12.74
N ASN B 70 -10.45 3.54 -14.01
CA ASN B 70 -11.56 4.01 -14.83
C ASN B 70 -12.87 3.28 -14.54
N GLU B 71 -12.80 2.21 -13.76
CA GLU B 71 -14.00 1.47 -13.38
C GLU B 71 -14.47 1.88 -12.00
N ASN B 72 -13.53 2.21 -11.10
CA ASN B 72 -13.88 2.65 -9.75
C ASN B 72 -12.70 3.42 -9.14
N LEU B 73 -12.90 4.73 -8.98
CA LEU B 73 -11.89 5.62 -8.45
C LEU B 73 -11.36 5.19 -7.09
N LEU B 74 -12.21 4.60 -6.26
CA LEU B 74 -11.78 4.18 -4.93
C LEU B 74 -10.71 3.10 -4.92
N VAL B 75 -10.44 2.50 -6.07
CA VAL B 75 -9.42 1.46 -6.13
C VAL B 75 -8.04 2.09 -5.89
N GLY B 76 -7.96 3.42 -6.03
CA GLY B 76 -6.70 4.10 -5.78
C GLY B 76 -6.24 3.88 -4.34
N TYR B 77 -7.18 3.58 -3.46
CA TYR B 77 -6.88 3.31 -2.05
C TYR B 77 -6.07 2.03 -1.90
N PHE B 78 -5.95 1.26 -2.98
CA PHE B 78 -5.18 0.02 -2.97
C PHE B 78 -4.06 0.00 -3.99
N LEU B 79 -3.70 1.18 -4.52
CA LEU B 79 -2.60 1.25 -5.48
C LEU B 79 -1.39 1.91 -4.82
N PRO B 80 -0.17 1.55 -5.25
CA PRO B 80 0.19 0.58 -6.29
C PRO B 80 0.07 -0.84 -5.71
N CME B 81 0.39 -1.84 -6.53
CA CME B 81 0.36 -3.21 -6.05
CB CME B 81 0.52 -4.19 -7.21
SG CME B 81 -0.85 -4.11 -8.39
SD CME B 81 -2.41 -4.88 -7.34
CE CME B 81 -3.19 -3.43 -6.59
CZ CME B 81 -4.64 -3.66 -6.20
OH CME B 81 -4.66 -4.37 -4.99
C CME B 81 1.54 -3.38 -5.12
O CME B 81 2.62 -2.88 -5.40
N LYS B 82 1.34 -4.06 -4.00
CA LYS B 82 2.43 -4.25 -3.05
C LYS B 82 2.98 -5.68 -3.06
N LEU B 83 4.30 -5.79 -2.96
CA LEU B 83 4.98 -7.07 -2.87
C LEU B 83 5.94 -6.91 -1.71
N VAL B 84 6.21 -7.99 -0.99
CA VAL B 84 7.14 -7.92 0.12
C VAL B 84 8.14 -9.07 0.07
N VAL B 85 9.41 -8.73 0.19
CA VAL B 85 10.46 -9.74 0.19
C VAL B 85 11.06 -9.71 1.58
N TYR B 86 11.09 -10.86 2.24
CA TYR B 86 11.64 -10.91 3.58
C TYR B 86 12.29 -12.25 3.90
N GLN B 87 13.03 -12.27 5.00
CA GLN B 87 13.75 -13.47 5.39
C GLN B 87 13.27 -13.94 6.76
N GLU B 88 12.65 -15.10 6.77
CA GLU B 88 12.11 -15.67 7.99
C GLU B 88 12.67 -17.07 8.21
N ASN B 89 13.27 -17.30 9.38
CA ASN B 89 13.86 -18.59 9.71
C ASN B 89 14.96 -18.97 8.71
N GLY B 90 15.80 -18.00 8.38
CA GLY B 90 16.88 -18.26 7.45
C GLY B 90 16.46 -18.52 6.02
N THR B 91 15.17 -18.43 5.73
CA THR B 91 14.70 -18.67 4.37
C THR B 91 14.03 -17.41 3.80
N THR B 92 14.24 -17.16 2.51
CA THR B 92 13.66 -15.98 1.87
C THR B 92 12.29 -16.30 1.28
N LYS B 93 11.39 -15.33 1.33
CA LYS B 93 10.04 -15.52 0.80
C LYS B 93 9.62 -14.25 0.07
N ILE B 94 8.64 -14.39 -0.82
CA ILE B 94 8.09 -13.25 -1.51
C ILE B 94 6.58 -13.38 -1.30
N GLY B 95 5.94 -12.32 -0.82
CA GLY B 95 4.52 -12.41 -0.60
C GLY B 95 3.78 -11.17 -1.02
N MET B 96 2.47 -11.30 -1.14
CA MET B 96 1.66 -10.16 -1.51
C MET B 96 0.26 -10.33 -0.99
N PRO B 97 -0.37 -9.23 -0.58
CA PRO B 97 -1.75 -9.34 -0.10
C PRO B 97 -2.46 -9.58 -1.42
N LYS B 98 -3.47 -10.45 -1.44
CA LYS B 98 -4.15 -10.75 -2.69
C LYS B 98 -5.00 -9.58 -3.21
N PRO B 99 -4.77 -9.16 -4.46
CA PRO B 99 -5.56 -8.05 -5.02
C PRO B 99 -7.08 -8.32 -4.90
N THR B 100 -7.47 -9.59 -5.09
CA THR B 100 -8.88 -9.94 -5.01
C THR B 100 -9.42 -9.79 -3.59
N MET B 101 -8.58 -9.99 -2.58
CA MET B 101 -9.04 -9.84 -1.21
C MET B 101 -9.15 -8.36 -0.85
N LEU B 102 -8.21 -7.56 -1.33
CA LEU B 102 -8.23 -6.12 -1.08
C LEU B 102 -9.47 -5.54 -1.79
N VAL B 103 -9.59 -5.79 -3.09
CA VAL B 103 -10.71 -5.27 -3.86
C VAL B 103 -12.06 -5.87 -3.42
N GLY B 104 -12.02 -7.08 -2.88
CA GLY B 104 -13.23 -7.72 -2.42
C GLY B 104 -13.96 -6.89 -1.38
N MET B 105 -13.21 -6.14 -0.58
CA MET B 105 -13.80 -5.28 0.45
C MET B 105 -14.64 -4.15 -0.14
N MET B 106 -14.46 -3.90 -1.43
CA MET B 106 -15.16 -2.80 -2.10
C MET B 106 -16.57 -3.13 -2.57
N ASN B 107 -16.93 -4.40 -2.51
CA ASN B 107 -18.25 -4.84 -2.95
C ASN B 107 -18.53 -4.43 -4.40
N ASP B 108 -17.51 -4.61 -5.24
CA ASP B 108 -17.59 -4.27 -6.66
C ASP B 108 -17.17 -5.52 -7.44
N PRO B 109 -18.15 -6.36 -7.76
CA PRO B 109 -17.97 -7.63 -8.49
C PRO B 109 -17.10 -7.54 -9.75
N ALA B 110 -17.43 -6.60 -10.62
CA ALA B 110 -16.66 -6.44 -11.85
C ALA B 110 -15.22 -6.04 -11.56
N LEU B 111 -15.02 -5.14 -10.60
CA LEU B 111 -13.67 -4.72 -10.26
C LEU B 111 -12.89 -5.90 -9.70
N LYS B 112 -13.55 -6.74 -8.90
CA LYS B 112 -12.86 -7.89 -8.34
C LYS B 112 -12.39 -8.86 -9.41
N GLU B 113 -13.14 -8.94 -10.52
CA GLU B 113 -12.74 -9.85 -11.60
C GLU B 113 -11.51 -9.30 -12.32
N ILE B 114 -11.38 -7.97 -12.39
CA ILE B 114 -10.19 -7.39 -13.02
C ILE B 114 -9.02 -7.59 -12.05
N ALA B 115 -9.31 -7.53 -10.74
CA ALA B 115 -8.29 -7.72 -9.72
C ALA B 115 -7.75 -9.15 -9.84
N ALA B 116 -8.62 -10.08 -10.20
CA ALA B 116 -8.23 -11.48 -10.38
C ALA B 116 -7.19 -11.63 -11.50
N ASP B 117 -7.33 -10.85 -12.57
CA ASP B 117 -6.36 -10.91 -13.68
C ASP B 117 -5.01 -10.45 -13.14
N ILE B 118 -5.03 -9.30 -12.47
CA ILE B 118 -3.82 -8.72 -11.89
C ILE B 118 -3.16 -9.70 -10.92
N GLU B 119 -3.97 -10.31 -10.07
CA GLU B 119 -3.48 -11.27 -9.09
C GLU B 119 -2.81 -12.45 -9.79
N LYS B 120 -3.42 -12.94 -10.85
CA LYS B 120 -2.86 -14.05 -11.61
C LYS B 120 -1.47 -13.71 -12.17
N ARG B 121 -1.32 -12.51 -12.72
CA ARG B 121 -0.06 -12.09 -13.31
C ARG B 121 1.03 -11.90 -12.24
N LEU B 122 0.68 -11.26 -11.13
CA LEU B 122 1.65 -11.08 -10.06
C LEU B 122 2.07 -12.43 -9.49
N ALA B 123 1.10 -13.35 -9.36
CA ALA B 123 1.40 -14.70 -8.84
C ALA B 123 2.38 -15.40 -9.77
N ALA B 124 2.18 -15.24 -11.06
CA ALA B 124 3.06 -15.85 -12.04
C ALA B 124 4.47 -15.26 -11.89
N CYS B 125 4.55 -13.95 -11.64
CA CYS B 125 5.86 -13.31 -11.47
C CYS B 125 6.56 -13.93 -10.27
N LEU B 126 5.81 -14.12 -9.18
CA LEU B 126 6.37 -14.71 -7.97
C LEU B 126 6.84 -16.15 -8.20
N ASP B 127 6.02 -16.95 -8.89
CA ASP B 127 6.38 -18.33 -9.17
C ASP B 127 7.69 -18.48 -9.95
N ARG B 128 7.96 -17.52 -10.84
CA ARG B 128 9.17 -17.56 -11.64
C ARG B 128 10.44 -17.31 -10.80
N CYS B 129 10.25 -16.91 -9.55
CA CYS B 129 11.37 -16.63 -8.66
C CYS B 129 11.67 -17.77 -7.69
N ARG B 130 10.85 -18.81 -7.72
CA ARG B 130 11.06 -19.96 -6.83
C ARG B 130 12.46 -20.53 -7.03
ZN ZN C . -2.50 13.40 18.98
ZN ZN D . -3.48 1.74 21.57
ZN ZN E . 5.26 19.04 0.76
ZN ZN F . -1.64 4.50 21.13
ZN ZN G . -17.80 3.73 0.04
ZN ZN H . 6.52 16.37 1.84
ZN ZN I . 3.13 3.45 10.68
ZN ZN J . 22.66 -10.82 -9.25
ZN ZN K . -3.35 -7.73 -17.40
ZN ZN L . 23.11 -10.16 2.04
ZN ZN M . -3.70 -16.02 -17.82
ZN ZN N . 17.61 5.28 6.79
ZN ZN O . 21.89 0.22 7.21
ZN ZN P . 1.79 -20.95 -8.22
ZN ZN Q . -15.88 0.63 -18.24
ZN ZN R . 17.77 -4.14 -7.73
ZN ZN S . -0.85 -2.06 -11.70
#